data_8TBX
#
_entry.id   8TBX
#
_cell.length_a   50.708
_cell.length_b   71.517
_cell.length_c   138.496
_cell.angle_alpha   90.00
_cell.angle_beta   90.00
_cell.angle_gamma   90.00
#
_symmetry.space_group_name_H-M   'P 21 21 21'
#
loop_
_entity.id
_entity.type
_entity.pdbx_description
1 polymer 'ATP-dependent RNA helicase DDX1'
2 non-polymer "ADENOSINE-5'-DIPHOSPHATE"
3 non-polymer 'MAGNESIUM ION'
4 non-polymer 'ZINC ION'
5 water water
#
_entity_poly.entity_id   1
_entity_poly.type   'polypeptide(L)'
_entity_poly.pdbx_seq_one_letter_code
;GMAAFSEMGVMPEIAQAVEEMDWLLPTDIQAESIPLILGGGDVLMAAETGSGKTGAFSIPVIQIVYETLKDQQEGSGSGS
GAPKALIVEPSRELAEQTLNNIKQFKKYIDNPKLRELLIIGGVAARDQLSVLENGVDIVVGTPGRLDDLVSTGKLNLSQV
RFLVLDEADGLLSQGYSDFINRMHNQIPQVTSDGKRLQVIVCSATLHSFDVKKLSEKIMHFPTWVDLKGEDSVPDTVHHV
VVPVNPKTDRLWERLGKSHIRTDDVHAKDNTRPGANSPEMWSEAIKILKGEYAVRAIKEHKMDQAIIFCRTKIDCDNLEQ
YFIQQGGGPDKKGHQFSCVCLHGDRKPHERKQNLERFKKGDVRFLICTDVAARGIDIHGVPYVINVTLPDEKQNYVHRIG
RVGRAERMGLAISLVATEKEKVWYHVCSSRGKGCYNTRLKEDGGCTIWYNEMQLLSEIEEHLNCTISQVE
;
_entity_poly.pdbx_strand_id   A
#
# COMPACT_ATOMS: atom_id res chain seq x y z
N GLY A 1 -7.59 -33.64 -6.83
CA GLY A 1 -7.77 -34.35 -5.54
C GLY A 1 -6.72 -33.93 -4.53
N MET A 2 -6.37 -34.81 -3.60
CA MET A 2 -5.39 -34.51 -2.52
C MET A 2 -4.02 -34.18 -3.14
N ALA A 3 -3.79 -34.55 -4.39
CA ALA A 3 -2.60 -34.10 -5.14
C ALA A 3 -2.53 -32.58 -5.10
N ALA A 4 -3.67 -31.91 -5.32
CA ALA A 4 -3.76 -30.46 -5.59
C ALA A 4 -3.28 -29.65 -4.38
N PHE A 5 -3.30 -30.22 -3.18
CA PHE A 5 -2.78 -29.58 -1.96
C PHE A 5 -1.34 -30.01 -1.67
N SER A 6 -1.03 -31.30 -1.80
CA SER A 6 0.34 -31.85 -1.74
C SER A 6 1.27 -31.01 -2.63
N GLU A 7 0.91 -30.78 -3.90
CA GLU A 7 1.76 -30.00 -4.85
C GLU A 7 2.23 -28.70 -4.18
N MET A 8 1.36 -28.03 -3.40
CA MET A 8 1.64 -26.70 -2.83
C MET A 8 2.55 -26.82 -1.58
N GLY A 9 2.89 -28.04 -1.18
CA GLY A 9 3.81 -28.30 -0.06
C GLY A 9 3.05 -28.68 1.18
N VAL A 10 1.76 -28.97 1.06
CA VAL A 10 0.92 -29.49 2.18
C VAL A 10 1.29 -30.95 2.45
N MET A 11 1.54 -31.29 3.72
CA MET A 11 1.69 -32.68 4.24
C MET A 11 0.58 -33.58 3.66
N PRO A 12 0.91 -34.76 3.09
CA PRO A 12 -0.11 -35.61 2.47
C PRO A 12 -1.22 -35.98 3.46
N GLU A 13 -0.88 -36.20 4.73
CA GLU A 13 -1.85 -36.63 5.80
C GLU A 13 -2.88 -35.53 6.01
N ILE A 14 -2.50 -34.27 5.75
CA ILE A 14 -3.41 -33.08 5.85
C ILE A 14 -4.24 -33.05 4.57
N ALA A 15 -3.58 -33.07 3.41
CA ALA A 15 -4.21 -33.09 2.07
C ALA A 15 -5.30 -34.15 1.97
N GLN A 16 -5.03 -35.37 2.46
CA GLN A 16 -5.99 -36.50 2.44
C GLN A 16 -7.24 -36.09 3.21
N ALA A 17 -7.07 -35.44 4.37
CA ALA A 17 -8.18 -35.00 5.23
C ALA A 17 -9.03 -33.98 4.48
N VAL A 18 -8.37 -33.16 3.65
CA VAL A 18 -9.01 -32.03 2.93
C VAL A 18 -9.87 -32.62 1.81
N GLU A 19 -9.31 -33.52 0.99
CA GLU A 19 -10.09 -34.25 -0.03
C GLU A 19 -11.32 -34.91 0.62
N GLU A 20 -11.18 -35.41 1.84
CA GLU A 20 -12.25 -36.22 2.48
C GLU A 20 -13.40 -35.31 2.94
N MET A 21 -13.20 -34.00 3.02
CA MET A 21 -14.27 -33.03 3.38
C MET A 21 -14.87 -32.38 2.13
N ASP A 22 -14.52 -32.88 0.93
CA ASP A 22 -15.08 -32.50 -0.39
C ASP A 22 -14.47 -31.18 -0.86
N TRP A 23 -13.30 -30.81 -0.34
CA TRP A 23 -12.43 -29.75 -0.93
C TRP A 23 -11.47 -30.43 -1.91
N LEU A 24 -11.86 -30.56 -3.16
CA LEU A 24 -11.15 -31.40 -4.15
C LEU A 24 -10.02 -30.60 -4.82
N LEU A 25 -10.23 -29.32 -5.10
CA LEU A 25 -9.18 -28.35 -5.58
C LEU A 25 -9.22 -27.10 -4.72
N PRO A 26 -8.09 -26.37 -4.60
CA PRO A 26 -8.07 -25.12 -3.86
C PRO A 26 -8.76 -23.97 -4.60
N THR A 27 -9.41 -23.11 -3.84
CA THR A 27 -9.86 -21.80 -4.34
C THR A 27 -8.63 -21.02 -4.79
N ASP A 28 -8.83 -20.08 -5.71
CA ASP A 28 -7.77 -19.16 -6.23
C ASP A 28 -6.98 -18.56 -5.04
N ILE A 29 -7.68 -18.15 -3.98
CA ILE A 29 -7.12 -17.48 -2.78
C ILE A 29 -6.26 -18.50 -2.01
N GLN A 30 -6.72 -19.76 -1.93
CA GLN A 30 -5.99 -20.90 -1.30
C GLN A 30 -4.77 -21.25 -2.15
N ALA A 31 -4.96 -21.31 -3.47
CA ALA A 31 -3.89 -21.61 -4.45
C ALA A 31 -2.73 -20.62 -4.24
N GLU A 32 -3.03 -19.34 -4.02
CA GLU A 32 -1.98 -18.31 -3.86
C GLU A 32 -1.50 -18.30 -2.42
N SER A 33 -2.42 -18.37 -1.45
CA SER A 33 -2.19 -17.98 -0.04
C SER A 33 -1.37 -19.04 0.72
N ILE A 34 -1.62 -20.32 0.44
CA ILE A 34 -1.09 -21.43 1.29
C ILE A 34 0.43 -21.45 1.14
N PRO A 35 1.00 -21.46 -0.09
CA PRO A 35 2.44 -21.43 -0.26
C PRO A 35 3.13 -20.32 0.55
N LEU A 36 2.58 -19.11 0.48
CA LEU A 36 3.03 -17.93 1.27
C LEU A 36 2.98 -18.27 2.75
N ILE A 37 1.86 -18.83 3.22
CA ILE A 37 1.63 -19.05 4.68
C ILE A 37 2.62 -20.12 5.17
N LEU A 38 2.86 -21.15 4.37
CA LEU A 38 3.90 -22.18 4.64
C LEU A 38 5.29 -21.54 4.62
N GLY A 39 5.49 -20.51 3.79
CA GLY A 39 6.75 -19.73 3.67
C GLY A 39 7.11 -18.99 4.95
N GLY A 40 6.14 -18.77 5.84
CA GLY A 40 6.36 -18.18 7.18
C GLY A 40 6.15 -16.68 7.18
N GLY A 41 6.08 -16.02 6.02
CA GLY A 41 5.81 -14.57 5.93
C GLY A 41 4.41 -14.23 6.46
N ASP A 42 4.19 -12.97 6.80
CA ASP A 42 2.85 -12.44 7.18
C ASP A 42 2.07 -12.24 5.88
N VAL A 43 0.77 -12.50 5.93
CA VAL A 43 -0.11 -12.57 4.73
C VAL A 43 -1.43 -11.90 5.09
N LEU A 44 -1.81 -10.89 4.31
CA LEU A 44 -3.15 -10.27 4.33
C LEU A 44 -3.96 -10.75 3.10
N MET A 45 -5.03 -11.52 3.37
CA MET A 45 -5.98 -12.01 2.37
C MET A 45 -7.14 -11.04 2.35
N ALA A 46 -7.40 -10.39 1.21
CA ALA A 46 -8.55 -9.48 1.00
C ALA A 46 -9.37 -9.96 -0.20
N ALA A 47 -10.53 -10.55 0.06
CA ALA A 47 -11.46 -11.07 -0.98
C ALA A 47 -12.84 -11.32 -0.37
N GLU A 48 -13.89 -11.34 -1.21
CA GLU A 48 -15.31 -11.51 -0.77
C GLU A 48 -15.48 -12.77 0.09
N THR A 49 -16.55 -12.83 0.86
CA THR A 49 -16.96 -14.03 1.63
C THR A 49 -17.16 -15.16 0.63
N GLY A 50 -16.76 -16.39 1.00
CA GLY A 50 -16.91 -17.63 0.20
C GLY A 50 -15.79 -17.83 -0.81
N SER A 51 -14.74 -17.04 -0.76
CA SER A 51 -13.58 -17.17 -1.69
C SER A 51 -12.59 -18.22 -1.15
N GLY A 52 -12.62 -18.49 0.17
CA GLY A 52 -11.93 -19.63 0.81
C GLY A 52 -10.78 -19.18 1.71
N LYS A 53 -10.86 -17.97 2.24
CA LYS A 53 -9.81 -17.38 3.10
C LYS A 53 -9.62 -18.26 4.33
N THR A 54 -10.70 -18.46 5.09
CA THR A 54 -10.67 -19.21 6.36
C THR A 54 -9.99 -20.56 6.12
N GLY A 55 -10.33 -21.23 5.03
CA GLY A 55 -9.74 -22.54 4.69
C GLY A 55 -8.26 -22.42 4.37
N ALA A 56 -7.88 -21.33 3.70
CA ALA A 56 -6.49 -21.06 3.30
C ALA A 56 -5.55 -21.04 4.50
N PHE A 57 -6.07 -20.76 5.70
CA PHE A 57 -5.25 -20.69 6.94
C PHE A 57 -5.55 -21.89 7.86
N SER A 58 -6.76 -22.43 7.79
CA SER A 58 -7.18 -23.66 8.51
C SER A 58 -6.22 -24.81 8.10
N ILE A 59 -6.02 -25.00 6.80
CA ILE A 59 -5.16 -26.10 6.29
C ILE A 59 -3.74 -25.92 6.84
N PRO A 60 -2.95 -24.90 6.45
CA PRO A 60 -1.53 -24.87 6.82
C PRO A 60 -1.21 -24.56 8.30
N VAL A 61 -2.16 -24.09 9.10
CA VAL A 61 -1.88 -23.85 10.54
C VAL A 61 -1.46 -25.18 11.17
N ILE A 62 -2.12 -26.27 10.78
CA ILE A 62 -1.92 -27.62 11.36
C ILE A 62 -0.48 -28.05 11.07
N GLN A 63 -0.09 -28.00 9.81
CA GLN A 63 1.30 -28.25 9.37
C GLN A 63 2.26 -27.53 10.30
N ILE A 64 2.13 -26.21 10.39
CA ILE A 64 3.10 -25.28 11.05
C ILE A 64 3.15 -25.58 12.55
N VAL A 65 2.01 -25.81 13.18
CA VAL A 65 1.94 -26.18 14.62
C VAL A 65 2.63 -27.54 14.80
N TYR A 66 2.46 -28.47 13.87
CA TYR A 66 3.03 -29.82 13.95
C TYR A 66 4.55 -29.75 13.82
N GLU A 67 5.09 -28.94 12.91
CA GLU A 67 6.55 -28.91 12.60
C GLU A 67 7.29 -28.19 13.73
N THR A 68 6.57 -27.57 14.67
CA THR A 68 7.13 -26.85 15.85
C THR A 68 7.14 -27.77 17.07
N LEU A 69 6.24 -28.75 17.14
CA LEU A 69 6.21 -29.78 18.21
C LEU A 69 7.22 -30.89 17.84
N LYS A 70 7.26 -31.29 16.56
CA LYS A 70 8.22 -32.27 15.99
C LYS A 70 9.66 -31.80 16.28
N ASP A 71 9.89 -30.49 16.34
CA ASP A 71 11.21 -29.85 16.53
C ASP A 71 11.54 -29.67 18.02
N GLN A 72 10.51 -29.48 18.86
CA GLN A 72 10.63 -29.31 20.34
C GLN A 72 10.08 -30.56 21.05
N SER A 80 5.34 -28.27 27.60
CA SER A 80 4.78 -27.08 26.89
C SER A 80 3.42 -26.72 27.52
N GLY A 81 2.32 -27.01 26.81
CA GLY A 81 0.92 -26.74 27.25
C GLY A 81 0.48 -25.34 26.88
N ALA A 82 1.45 -24.51 26.50
CA ALA A 82 1.24 -23.18 25.91
C ALA A 82 0.83 -23.37 24.45
N PRO A 83 -0.24 -22.68 23.99
CA PRO A 83 -0.69 -22.77 22.61
C PRO A 83 0.31 -22.11 21.66
N LYS A 84 0.47 -22.73 20.48
CA LYS A 84 1.43 -22.35 19.41
C LYS A 84 0.74 -21.45 18.37
N ALA A 85 -0.59 -21.57 18.21
CA ALA A 85 -1.41 -20.78 17.24
C ALA A 85 -2.71 -20.29 17.90
N LEU A 86 -3.01 -19.00 17.76
CA LEU A 86 -4.29 -18.42 18.21
C LEU A 86 -5.03 -17.86 17.00
N ILE A 87 -6.27 -18.28 16.78
CA ILE A 87 -7.17 -17.76 15.70
C ILE A 87 -8.31 -17.01 16.40
N VAL A 88 -8.50 -15.74 16.04
CA VAL A 88 -9.62 -14.88 16.53
C VAL A 88 -10.70 -14.81 15.42
N GLU A 89 -11.97 -15.01 15.83
CA GLU A 89 -13.17 -14.93 14.96
C GLU A 89 -14.16 -13.98 15.61
N PRO A 90 -14.95 -13.19 14.84
CA PRO A 90 -15.90 -12.23 15.42
C PRO A 90 -17.26 -12.81 15.88
N SER A 91 -17.44 -14.14 15.72
CA SER A 91 -18.71 -14.90 15.85
C SER A 91 -18.51 -16.15 16.72
N ARG A 92 -19.50 -16.49 17.52
CA ARG A 92 -19.71 -17.90 17.95
C ARG A 92 -19.74 -18.76 16.67
N GLU A 93 -20.61 -18.39 15.72
CA GLU A 93 -20.85 -19.12 14.43
C GLU A 93 -19.49 -19.42 13.78
N LEU A 94 -18.75 -18.38 13.40
CA LEU A 94 -17.50 -18.48 12.59
C LEU A 94 -16.42 -19.22 13.38
N ALA A 95 -16.36 -19.06 14.71
CA ALA A 95 -15.44 -19.80 15.61
C ALA A 95 -15.65 -21.32 15.45
N GLU A 96 -16.91 -21.78 15.43
CA GLU A 96 -17.29 -23.21 15.40
C GLU A 96 -16.92 -23.80 14.02
N GLN A 97 -17.33 -23.16 12.91
CA GLN A 97 -17.02 -23.66 11.54
C GLN A 97 -15.50 -23.73 11.41
N THR A 98 -14.80 -22.73 11.95
CA THR A 98 -13.32 -22.60 11.86
C THR A 98 -12.68 -23.70 12.70
N LEU A 99 -13.29 -24.07 13.83
CA LEU A 99 -12.85 -25.19 14.71
C LEU A 99 -13.13 -26.55 14.06
N ASN A 100 -14.29 -26.69 13.40
CA ASN A 100 -14.70 -27.95 12.72
C ASN A 100 -13.70 -28.27 11.59
N ASN A 101 -13.17 -27.24 10.92
CA ASN A 101 -12.10 -27.34 9.88
C ASN A 101 -10.83 -27.93 10.52
N ILE A 102 -10.30 -27.30 11.59
CA ILE A 102 -9.02 -27.70 12.25
C ILE A 102 -9.15 -29.14 12.77
N LYS A 103 -10.28 -29.46 13.43
CA LYS A 103 -10.67 -30.84 13.84
C LYS A 103 -10.39 -31.82 12.68
N GLN A 104 -11.00 -31.59 11.51
CA GLN A 104 -10.99 -32.53 10.35
C GLN A 104 -9.58 -32.68 9.78
N PHE A 105 -8.90 -31.58 9.47
CA PHE A 105 -7.62 -31.58 8.71
C PHE A 105 -6.48 -32.17 9.59
N LYS A 106 -6.63 -32.12 10.91
CA LYS A 106 -5.65 -32.71 11.86
C LYS A 106 -5.90 -34.22 12.06
N LYS A 107 -7.01 -34.75 11.51
CA LYS A 107 -7.46 -36.17 11.63
C LYS A 107 -6.28 -37.16 11.54
N TYR A 108 -5.50 -37.14 10.47
CA TYR A 108 -4.47 -38.16 10.15
C TYR A 108 -3.07 -37.69 10.57
N ILE A 109 -2.99 -36.96 11.69
CA ILE A 109 -1.70 -36.52 12.30
C ILE A 109 -1.57 -37.16 13.69
N ASP A 110 -0.62 -38.08 13.82
CA ASP A 110 -0.15 -38.74 15.08
C ASP A 110 1.37 -38.51 15.17
N ASN A 111 1.92 -38.60 16.40
CA ASN A 111 3.39 -38.60 16.70
C ASN A 111 3.94 -37.18 16.65
N PRO A 112 3.46 -36.23 17.48
CA PRO A 112 2.27 -36.42 18.32
C PRO A 112 0.96 -35.90 17.68
N LYS A 113 -0.19 -36.20 18.30
CA LYS A 113 -1.52 -35.63 17.94
C LYS A 113 -1.52 -34.14 18.33
N LEU A 114 -2.58 -33.40 17.97
CA LEU A 114 -2.70 -31.92 18.21
C LEU A 114 -3.98 -31.63 18.98
N ARG A 115 -3.88 -30.79 20.02
CA ARG A 115 -4.98 -30.50 20.98
C ARG A 115 -5.60 -29.13 20.65
N GLU A 116 -6.86 -29.11 20.29
CA GLU A 116 -7.57 -27.89 19.86
C GLU A 116 -8.53 -27.47 20.98
N LEU A 117 -8.86 -26.18 21.08
CA LEU A 117 -9.82 -25.69 22.09
C LEU A 117 -10.58 -24.48 21.55
N LEU A 118 -11.92 -24.55 21.62
CA LEU A 118 -12.85 -23.42 21.40
C LEU A 118 -12.85 -22.56 22.66
N ILE A 119 -13.14 -21.26 22.51
CA ILE A 119 -13.16 -20.26 23.63
C ILE A 119 -14.21 -19.20 23.31
N ILE A 120 -15.43 -19.38 23.84
CA ILE A 120 -16.65 -18.61 23.45
C ILE A 120 -17.51 -18.34 24.69
N GLY A 121 -18.33 -17.27 24.64
CA GLY A 121 -19.41 -16.97 25.60
C GLY A 121 -20.54 -18.00 25.53
N GLY A 122 -21.00 -18.48 26.70
CA GLY A 122 -22.05 -19.51 26.84
C GLY A 122 -21.50 -20.74 27.54
N VAL A 123 -20.43 -21.34 27.02
CA VAL A 123 -19.80 -22.58 27.58
C VAL A 123 -19.01 -22.18 28.83
N ALA A 124 -19.19 -22.94 29.92
CA ALA A 124 -18.55 -22.72 31.23
C ALA A 124 -17.03 -22.66 31.06
N ALA A 125 -16.38 -21.69 31.70
CA ALA A 125 -14.92 -21.56 31.78
C ALA A 125 -14.32 -22.87 32.32
N ARG A 126 -15.00 -23.50 33.30
CA ARG A 126 -14.57 -24.75 33.98
C ARG A 126 -14.30 -25.85 32.93
N ASP A 127 -15.14 -25.93 31.89
CA ASP A 127 -14.93 -26.79 30.70
C ASP A 127 -13.61 -26.38 30.04
N GLN A 128 -13.47 -25.07 29.79
CA GLN A 128 -12.39 -24.47 28.96
C GLN A 128 -11.08 -24.48 29.75
N LEU A 129 -11.15 -24.32 31.08
CA LEU A 129 -9.97 -24.20 31.98
C LEU A 129 -9.43 -25.57 32.40
N SER A 130 -10.29 -26.59 32.51
CA SER A 130 -9.87 -28.02 32.53
C SER A 130 -8.94 -28.24 31.33
N VAL A 131 -9.41 -27.87 30.14
CA VAL A 131 -8.71 -28.06 28.82
C VAL A 131 -7.39 -27.27 28.82
N LEU A 132 -7.37 -26.08 29.43
CA LEU A 132 -6.23 -25.12 29.39
C LEU A 132 -5.07 -25.60 30.27
N GLU A 133 -5.35 -25.87 31.56
CA GLU A 133 -4.33 -26.30 32.56
C GLU A 133 -3.54 -27.50 32.01
N ASN A 134 -4.15 -28.30 31.13
CA ASN A 134 -3.62 -29.64 30.71
C ASN A 134 -2.57 -29.48 29.60
N GLY A 135 -2.97 -29.04 28.40
CA GLY A 135 -2.08 -28.99 27.22
C GLY A 135 -2.84 -28.79 25.91
N VAL A 136 -2.81 -27.54 25.41
CA VAL A 136 -3.53 -27.09 24.19
C VAL A 136 -2.54 -26.43 23.23
N ASP A 137 -2.64 -26.77 21.94
CA ASP A 137 -1.71 -26.34 20.87
C ASP A 137 -2.38 -25.25 20.00
N ILE A 138 -3.69 -25.34 19.77
CA ILE A 138 -4.44 -24.49 18.78
C ILE A 138 -5.71 -23.94 19.42
N VAL A 139 -5.80 -22.62 19.55
CA VAL A 139 -6.95 -21.92 20.19
C VAL A 139 -7.69 -21.17 19.10
N VAL A 140 -9.00 -21.45 18.97
CA VAL A 140 -9.99 -20.61 18.23
C VAL A 140 -10.99 -20.08 19.24
N GLY A 141 -11.30 -18.76 19.18
CA GLY A 141 -12.23 -18.12 20.13
C GLY A 141 -12.62 -16.71 19.70
N THR A 142 -13.41 -16.04 20.53
CA THR A 142 -13.98 -14.68 20.27
C THR A 142 -13.31 -13.65 21.17
N PRO A 143 -13.22 -12.38 20.73
CA PRO A 143 -12.50 -11.35 21.49
C PRO A 143 -12.82 -11.37 22.99
N GLY A 144 -14.12 -11.28 23.34
CA GLY A 144 -14.62 -11.26 24.72
C GLY A 144 -13.89 -12.23 25.63
N ARG A 145 -14.16 -13.53 25.49
CA ARG A 145 -13.59 -14.53 26.43
C ARG A 145 -12.06 -14.56 26.26
N LEU A 146 -11.55 -14.35 25.04
CA LEU A 146 -10.08 -14.34 24.79
C LEU A 146 -9.45 -13.21 25.61
N ASP A 147 -10.11 -12.05 25.67
CA ASP A 147 -9.65 -10.89 26.47
C ASP A 147 -9.81 -11.27 27.95
N ASP A 148 -11.05 -11.50 28.39
CA ASP A 148 -11.43 -12.16 29.68
C ASP A 148 -10.33 -13.12 30.18
N LEU A 149 -10.03 -14.17 29.43
CA LEU A 149 -9.30 -15.38 29.91
C LEU A 149 -7.77 -15.12 29.91
N VAL A 150 -7.29 -14.09 29.18
CA VAL A 150 -5.85 -13.72 29.10
C VAL A 150 -5.53 -12.68 30.19
N SER A 151 -6.46 -11.73 30.38
CA SER A 151 -6.36 -10.62 31.35
C SER A 151 -6.91 -11.04 32.73
N THR A 152 -7.07 -12.35 32.96
CA THR A 152 -7.18 -12.98 34.31
C THR A 152 -6.00 -13.93 34.55
N GLY A 153 -4.98 -13.92 33.68
CA GLY A 153 -3.76 -14.73 33.83
C GLY A 153 -4.00 -16.21 33.54
N LYS A 154 -5.12 -16.52 32.86
CA LYS A 154 -5.53 -17.92 32.52
C LYS A 154 -4.82 -18.36 31.24
N LEU A 155 -5.03 -17.64 30.13
CA LEU A 155 -4.63 -18.07 28.76
C LEU A 155 -3.22 -17.55 28.43
N ASN A 156 -2.26 -18.47 28.27
CA ASN A 156 -0.81 -18.18 28.05
C ASN A 156 -0.57 -17.95 26.55
N LEU A 157 0.14 -16.88 26.21
CA LEU A 157 0.40 -16.49 24.80
C LEU A 157 1.90 -16.35 24.57
N SER A 158 2.72 -16.82 25.51
CA SER A 158 4.20 -16.68 25.48
C SER A 158 4.76 -17.32 24.19
N GLN A 159 4.24 -18.48 23.78
CA GLN A 159 4.87 -19.32 22.73
C GLN A 159 4.04 -19.29 21.43
N VAL A 160 2.98 -18.48 21.37
CA VAL A 160 2.16 -18.25 20.14
C VAL A 160 3.08 -17.74 19.03
N ARG A 161 3.23 -18.52 17.94
CA ARG A 161 4.06 -18.15 16.77
C ARG A 161 3.17 -17.91 15.54
N PHE A 162 1.87 -18.19 15.64
CA PHE A 162 0.88 -18.05 14.53
C PHE A 162 -0.36 -17.36 15.07
N LEU A 163 -0.47 -16.07 14.78
CA LEU A 163 -1.65 -15.23 15.11
C LEU A 163 -2.43 -14.96 13.82
N VAL A 164 -3.76 -15.05 13.92
CA VAL A 164 -4.72 -14.97 12.78
C VAL A 164 -5.92 -14.16 13.25
N LEU A 165 -6.14 -13.01 12.63
CA LEU A 165 -7.33 -12.16 12.85
C LEU A 165 -8.25 -12.31 11.65
N ASP A 166 -9.18 -13.27 11.71
CA ASP A 166 -10.16 -13.53 10.64
C ASP A 166 -11.25 -12.45 10.76
N GLU A 167 -11.79 -12.02 9.62
CA GLU A 167 -12.87 -10.99 9.52
C GLU A 167 -12.45 -9.77 10.35
N ALA A 168 -11.21 -9.33 10.14
CA ALA A 168 -10.56 -8.16 10.77
C ALA A 168 -11.39 -6.88 10.58
N ASP A 169 -12.02 -6.73 9.41
CA ASP A 169 -12.90 -5.57 9.09
C ASP A 169 -14.01 -5.52 10.15
N GLY A 170 -14.81 -6.60 10.24
CA GLY A 170 -15.83 -6.80 11.28
C GLY A 170 -15.28 -6.63 12.69
N LEU A 171 -14.12 -7.22 12.98
CA LEU A 171 -13.45 -7.14 14.31
C LEU A 171 -13.13 -5.68 14.66
N LEU A 172 -12.62 -4.89 13.72
CA LEU A 172 -12.36 -3.46 13.94
C LEU A 172 -13.69 -2.71 14.16
N SER A 173 -14.64 -2.85 13.25
CA SER A 173 -15.96 -2.15 13.32
C SER A 173 -16.76 -2.66 14.53
N GLN A 174 -16.47 -3.86 15.04
CA GLN A 174 -17.04 -4.38 16.32
C GLN A 174 -16.28 -3.81 17.53
N GLY A 175 -15.24 -3.00 17.30
CA GLY A 175 -14.59 -2.15 18.34
C GLY A 175 -13.40 -2.80 19.05
N TYR A 176 -12.83 -3.88 18.48
CA TYR A 176 -11.84 -4.78 19.14
C TYR A 176 -10.39 -4.43 18.73
N SER A 177 -10.15 -3.23 18.21
CA SER A 177 -8.78 -2.76 17.82
C SER A 177 -7.87 -2.76 19.05
N ASP A 178 -8.37 -2.21 20.16
CA ASP A 178 -7.65 -2.10 21.46
C ASP A 178 -7.15 -3.52 21.81
N PHE A 179 -8.06 -4.48 21.87
CA PHE A 179 -7.80 -5.92 22.13
C PHE A 179 -6.64 -6.40 21.24
N ILE A 180 -6.84 -6.38 19.91
CA ILE A 180 -5.88 -6.90 18.88
C ILE A 180 -4.48 -6.35 19.22
N ASN A 181 -4.38 -5.07 19.53
CA ASN A 181 -3.09 -4.38 19.74
C ASN A 181 -2.45 -4.85 21.05
N ARG A 182 -3.25 -5.08 22.09
CA ARG A 182 -2.80 -5.65 23.38
C ARG A 182 -2.18 -7.03 23.11
N MET A 183 -2.91 -7.89 22.39
CA MET A 183 -2.54 -9.29 22.08
C MET A 183 -1.20 -9.33 21.37
N HIS A 184 -0.94 -8.35 20.49
CA HIS A 184 0.27 -8.31 19.65
C HIS A 184 1.46 -7.87 20.51
N ASN A 185 1.27 -6.88 21.39
CA ASN A 185 2.30 -6.43 22.37
C ASN A 185 2.74 -7.60 23.26
N GLN A 186 1.80 -8.48 23.65
CA GLN A 186 1.98 -9.56 24.66
C GLN A 186 2.73 -10.73 24.05
N ILE A 187 2.25 -11.23 22.91
CA ILE A 187 2.95 -12.25 22.07
C ILE A 187 4.32 -11.68 21.72
N PRO A 188 5.44 -12.32 22.16
CA PRO A 188 6.78 -11.92 21.72
C PRO A 188 6.98 -11.96 20.19
N GLN A 189 7.74 -10.99 19.66
CA GLN A 189 7.95 -10.77 18.20
C GLN A 189 8.86 -11.87 17.62
N VAL A 190 9.67 -12.53 18.46
CA VAL A 190 10.58 -13.65 18.07
C VAL A 190 10.26 -14.86 18.95
N THR A 191 10.35 -16.07 18.40
CA THR A 191 10.09 -17.34 19.13
C THR A 191 11.40 -17.79 19.77
N SER A 192 11.33 -18.78 20.69
CA SER A 192 12.47 -19.54 21.23
C SER A 192 13.27 -20.18 20.08
N ASP A 193 12.57 -20.72 19.06
CA ASP A 193 13.17 -21.31 17.83
C ASP A 193 14.07 -20.28 17.11
N GLY A 194 14.04 -19.01 17.51
CA GLY A 194 14.73 -17.91 16.81
C GLY A 194 13.89 -17.32 15.69
N LYS A 195 12.78 -17.98 15.30
CA LYS A 195 11.89 -17.59 14.16
C LYS A 195 11.00 -16.40 14.58
N ARG A 196 10.38 -15.73 13.60
CA ARG A 196 9.60 -14.47 13.78
C ARG A 196 8.10 -14.78 13.76
N LEU A 197 7.33 -14.16 14.66
CA LEU A 197 5.85 -14.30 14.79
C LEU A 197 5.19 -14.20 13.40
N GLN A 198 4.37 -15.19 13.03
CA GLN A 198 3.61 -15.17 11.75
C GLN A 198 2.17 -14.66 12.00
N VAL A 199 1.80 -13.54 11.37
CA VAL A 199 0.47 -12.90 11.54
C VAL A 199 -0.33 -13.00 10.23
N ILE A 200 -1.59 -13.46 10.35
CA ILE A 200 -2.52 -13.55 9.19
C ILE A 200 -3.71 -12.65 9.47
N VAL A 201 -4.09 -11.86 8.46
CA VAL A 201 -5.27 -10.97 8.48
C VAL A 201 -6.12 -11.30 7.27
N CYS A 202 -7.39 -11.64 7.52
CA CYS A 202 -8.43 -11.87 6.50
C CYS A 202 -9.43 -10.72 6.54
N SER A 203 -9.83 -10.26 5.36
CA SER A 203 -10.83 -9.17 5.18
C SER A 203 -11.72 -9.48 3.98
N ALA A 204 -13.02 -9.24 4.12
CA ALA A 204 -14.02 -9.28 3.03
C ALA A 204 -13.88 -8.02 2.18
N THR A 205 -13.48 -6.90 2.79
CA THR A 205 -13.37 -5.57 2.13
C THR A 205 -11.91 -5.37 1.71
N LEU A 206 -11.70 -4.77 0.55
CA LEU A 206 -10.35 -4.33 0.10
C LEU A 206 -10.28 -2.81 0.26
N HIS A 207 -9.08 -2.24 0.19
CA HIS A 207 -8.84 -0.77 0.17
C HIS A 207 -9.17 -0.14 1.53
N SER A 208 -9.86 -0.86 2.43
CA SER A 208 -10.30 -0.35 3.77
C SER A 208 -9.09 0.25 4.50
N PHE A 209 -9.22 1.51 4.95
CA PHE A 209 -8.16 2.30 5.65
C PHE A 209 -7.83 1.64 7.01
N ASP A 210 -8.84 1.33 7.80
CA ASP A 210 -8.73 0.70 9.14
C ASP A 210 -7.89 -0.58 9.08
N VAL A 211 -8.06 -1.39 8.04
CA VAL A 211 -7.35 -2.68 7.87
C VAL A 211 -5.91 -2.38 7.46
N LYS A 212 -5.71 -1.33 6.64
CA LYS A 212 -4.38 -0.83 6.20
C LYS A 212 -3.61 -0.41 7.45
N LYS A 213 -4.19 0.45 8.28
CA LYS A 213 -3.57 0.91 9.56
C LYS A 213 -3.27 -0.30 10.45
N LEU A 214 -4.13 -1.33 10.46
CA LEU A 214 -3.89 -2.57 11.25
C LEU A 214 -2.69 -3.34 10.66
N SER A 215 -2.66 -3.55 9.35
CA SER A 215 -1.52 -4.20 8.65
C SER A 215 -0.22 -3.46 9.00
N GLU A 216 -0.26 -2.12 9.06
CA GLU A 216 0.93 -1.28 9.35
C GLU A 216 1.42 -1.56 10.78
N LYS A 217 0.48 -1.79 11.71
CA LYS A 217 0.69 -1.71 13.17
C LYS A 217 1.05 -3.07 13.76
N ILE A 218 0.64 -4.18 13.15
CA ILE A 218 0.79 -5.54 13.75
C ILE A 218 1.28 -6.58 12.71
N MET A 219 1.67 -6.16 11.50
CA MET A 219 2.23 -7.10 10.49
C MET A 219 3.62 -6.61 10.06
N HIS A 220 4.45 -7.51 9.55
CA HIS A 220 5.88 -7.27 9.18
C HIS A 220 6.06 -7.54 7.68
N PHE A 221 5.91 -6.50 6.85
CA PHE A 221 6.10 -6.51 5.37
C PHE A 221 5.23 -7.62 4.78
N PRO A 222 3.91 -7.52 5.00
CA PRO A 222 2.99 -8.61 4.71
C PRO A 222 2.84 -8.74 3.20
N THR A 223 2.53 -9.94 2.71
CA THR A 223 2.09 -10.14 1.32
C THR A 223 0.56 -10.01 1.28
N TRP A 224 0.08 -9.10 0.45
CA TRP A 224 -1.35 -8.93 0.14
C TRP A 224 -1.77 -9.95 -0.89
N VAL A 225 -3.00 -10.45 -0.80
CA VAL A 225 -3.60 -11.47 -1.72
C VAL A 225 -5.01 -11.03 -2.07
N ASP A 226 -5.31 -10.89 -3.35
CA ASP A 226 -6.64 -10.44 -3.86
C ASP A 226 -6.99 -11.30 -5.08
N LEU A 227 -8.28 -11.61 -5.29
CA LEU A 227 -8.79 -12.45 -6.40
C LEU A 227 -8.98 -11.57 -7.66
N SER A 232 -3.66 -3.55 -10.77
CA SER A 232 -3.94 -3.46 -9.31
C SER A 232 -3.11 -2.33 -8.67
N VAL A 233 -3.41 -1.95 -7.42
CA VAL A 233 -2.58 -1.06 -6.54
C VAL A 233 -1.61 -1.94 -5.77
N PRO A 234 -0.29 -1.93 -6.11
CA PRO A 234 0.70 -2.69 -5.36
C PRO A 234 0.71 -2.18 -3.91
N ASP A 235 0.05 -2.88 -2.98
CA ASP A 235 -0.30 -2.29 -1.66
C ASP A 235 0.90 -2.32 -0.71
N THR A 236 2.10 -2.55 -1.27
CA THR A 236 3.40 -2.05 -0.71
C THR A 236 3.49 -0.53 -0.88
N VAL A 237 2.36 0.15 -1.20
CA VAL A 237 2.33 1.57 -1.65
C VAL A 237 1.19 2.32 -0.96
N HIS A 238 1.55 3.24 -0.07
CA HIS A 238 0.74 4.44 0.29
C HIS A 238 0.78 5.40 -0.89
N HIS A 239 -0.37 6.01 -1.22
CA HIS A 239 -0.46 7.14 -2.17
C HIS A 239 -1.51 8.12 -1.67
N VAL A 240 -1.23 9.43 -1.80
CA VAL A 240 -2.10 10.49 -1.22
C VAL A 240 -2.20 11.67 -2.19
N VAL A 241 -3.33 12.36 -2.13
CA VAL A 241 -3.63 13.58 -2.92
C VAL A 241 -3.46 14.75 -1.96
N VAL A 242 -2.63 15.71 -2.33
CA VAL A 242 -2.60 17.08 -1.76
C VAL A 242 -3.40 17.96 -2.71
N PRO A 243 -4.66 18.33 -2.37
CA PRO A 243 -5.39 19.27 -3.21
C PRO A 243 -4.66 20.62 -3.26
N VAL A 244 -4.65 21.23 -4.43
CA VAL A 244 -3.97 22.53 -4.68
C VAL A 244 -5.05 23.54 -5.03
N ASN A 245 -5.59 24.16 -3.98
CA ASN A 245 -6.81 25.00 -3.98
C ASN A 245 -6.36 26.44 -3.77
N PRO A 246 -6.33 27.27 -4.83
CA PRO A 246 -5.79 28.62 -4.71
C PRO A 246 -6.82 29.60 -4.13
N LYS A 247 -8.03 29.10 -3.80
CA LYS A 247 -9.10 29.87 -3.11
C LYS A 247 -8.95 29.73 -1.59
N THR A 248 -8.55 28.55 -1.10
CA THR A 248 -8.37 28.26 0.35
C THR A 248 -6.90 28.39 0.77
N ASP A 249 -5.96 28.30 -0.16
CA ASP A 249 -4.56 28.71 0.10
C ASP A 249 -4.27 29.95 -0.74
N ARG A 250 -4.07 31.10 -0.08
CA ARG A 250 -3.78 32.40 -0.74
C ARG A 250 -2.29 32.74 -0.60
N LEU A 251 -1.44 31.75 -0.32
CA LEU A 251 0.03 31.90 -0.34
C LEU A 251 0.47 32.57 -1.64
N TRP A 252 -0.15 32.20 -2.75
CA TRP A 252 0.28 32.64 -4.09
C TRP A 252 0.18 34.17 -4.24
N GLU A 253 -0.69 34.81 -3.46
CA GLU A 253 -0.86 36.30 -3.52
C GLU A 253 0.33 36.98 -2.82
N ARG A 254 0.96 36.30 -1.88
CA ARG A 254 1.91 36.90 -0.92
C ARG A 254 3.35 36.51 -1.27
N LEU A 255 3.64 36.26 -2.56
CA LEU A 255 5.02 35.96 -3.05
C LEU A 255 5.43 37.04 -4.05
N GLY A 256 4.47 37.51 -4.85
CA GLY A 256 4.66 38.41 -6.00
C GLY A 256 5.44 37.74 -7.10
N LYS A 257 6.77 37.66 -6.94
CA LYS A 257 7.70 37.08 -7.93
C LYS A 257 8.90 36.46 -7.18
N SER A 258 8.65 35.78 -6.05
CA SER A 258 9.60 34.87 -5.35
C SER A 258 9.06 33.42 -5.45
N HIS A 259 8.72 32.99 -6.67
CA HIS A 259 8.00 31.71 -6.96
C HIS A 259 8.67 30.93 -8.11
N ILE A 260 8.15 29.75 -8.41
CA ILE A 260 8.61 28.92 -9.56
C ILE A 260 8.32 29.71 -10.83
N ARG A 261 9.22 29.63 -11.79
CA ARG A 261 8.97 30.08 -13.18
C ARG A 261 7.85 29.20 -13.76
N THR A 262 6.68 29.79 -14.02
CA THR A 262 5.57 29.02 -14.63
C THR A 262 5.79 28.86 -16.14
N ASP A 263 4.86 28.18 -16.79
CA ASP A 263 4.98 27.75 -18.22
C ASP A 263 4.65 28.90 -19.17
N ASP A 264 4.37 30.09 -18.66
CA ASP A 264 4.15 31.34 -19.44
C ASP A 264 3.02 31.16 -20.45
N VAL A 265 2.08 30.25 -20.21
CA VAL A 265 0.78 30.25 -20.93
C VAL A 265 0.03 31.56 -20.63
N HIS A 266 0.23 32.13 -19.44
CA HIS A 266 -0.47 33.34 -18.92
C HIS A 266 0.44 34.58 -18.98
N ALA A 267 1.55 34.54 -19.74
CA ALA A 267 2.44 35.69 -20.00
C ALA A 267 1.61 36.94 -20.39
N LYS A 268 0.68 36.80 -21.34
CA LYS A 268 -0.11 37.93 -21.91
C LYS A 268 -1.35 38.19 -21.05
N ASP A 269 -1.70 37.24 -20.17
CA ASP A 269 -2.88 37.36 -19.27
C ASP A 269 -2.55 38.19 -18.02
N ASN A 270 -3.58 38.82 -17.44
CA ASN A 270 -3.54 39.50 -16.13
C ASN A 270 -3.89 38.45 -15.07
N THR A 271 -2.87 38.06 -14.30
CA THR A 271 -2.96 37.07 -13.19
C THR A 271 -2.68 37.77 -11.85
N ARG A 272 -2.59 39.10 -11.83
CA ARG A 272 -2.51 39.89 -10.57
C ARG A 272 -3.80 39.66 -9.79
N PRO A 273 -3.74 39.70 -8.45
CA PRO A 273 -4.95 39.66 -7.63
C PRO A 273 -5.93 40.75 -8.08
N GLY A 274 -7.23 40.44 -8.10
CA GLY A 274 -8.28 41.34 -8.59
C GLY A 274 -8.76 40.92 -9.97
N ALA A 275 -7.96 40.11 -10.66
CA ALA A 275 -8.29 39.62 -12.00
C ALA A 275 -9.58 38.79 -11.91
N ASN A 276 -9.67 37.88 -10.94
CA ASN A 276 -10.91 37.11 -10.66
C ASN A 276 -11.40 36.47 -11.97
N SER A 277 -10.50 35.83 -12.68
CA SER A 277 -10.71 35.11 -13.96
C SER A 277 -10.16 33.69 -13.82
N PRO A 278 -10.63 32.73 -14.63
CA PRO A 278 -10.09 31.38 -14.60
C PRO A 278 -8.58 31.41 -14.88
N GLU A 279 -8.15 32.39 -15.69
CA GLU A 279 -6.72 32.58 -16.06
C GLU A 279 -5.94 32.90 -14.78
N MET A 280 -6.53 33.67 -13.87
CA MET A 280 -5.87 34.01 -12.58
C MET A 280 -5.72 32.76 -11.72
N TRP A 281 -6.83 32.04 -11.49
CA TRP A 281 -6.85 30.84 -10.63
C TRP A 281 -5.86 29.82 -11.18
N SER A 282 -5.70 29.76 -12.51
CA SER A 282 -4.80 28.80 -13.20
C SER A 282 -3.36 29.15 -12.88
N GLU A 283 -3.01 30.43 -12.89
CA GLU A 283 -1.63 30.86 -12.64
C GLU A 283 -1.35 30.71 -11.15
N ALA A 284 -2.36 30.93 -10.30
CA ALA A 284 -2.25 30.68 -8.85
C ALA A 284 -1.83 29.21 -8.65
N ILE A 285 -2.53 28.28 -9.29
CA ILE A 285 -2.23 26.82 -9.21
C ILE A 285 -0.77 26.62 -9.64
N LYS A 286 -0.39 27.08 -10.82
CA LYS A 286 0.98 26.87 -11.33
C LYS A 286 1.97 27.38 -10.28
N ILE A 287 1.64 28.45 -9.54
CA ILE A 287 2.57 29.00 -8.52
C ILE A 287 2.62 28.05 -7.33
N LEU A 288 1.45 27.64 -6.82
CA LEU A 288 1.33 26.81 -5.58
C LEU A 288 2.00 25.45 -5.77
N LYS A 289 1.86 24.83 -6.95
CA LYS A 289 2.45 23.49 -7.19
C LYS A 289 3.96 23.55 -6.94
N GLY A 290 4.58 24.65 -7.36
CA GLY A 290 5.96 24.99 -6.99
C GLY A 290 6.17 24.89 -5.48
N GLU A 291 5.50 25.73 -4.70
CA GLU A 291 5.68 25.80 -3.23
C GLU A 291 5.41 24.43 -2.61
N TYR A 292 4.36 23.74 -3.07
CA TYR A 292 3.90 22.48 -2.46
C TYR A 292 4.96 21.41 -2.73
N ALA A 293 5.58 21.43 -3.91
CA ALA A 293 6.64 20.46 -4.27
C ALA A 293 7.79 20.57 -3.26
N VAL A 294 8.30 21.79 -3.06
CA VAL A 294 9.44 22.14 -2.13
C VAL A 294 9.09 21.69 -0.69
N ARG A 295 7.87 21.96 -0.25
CA ARG A 295 7.42 21.76 1.16
C ARG A 295 7.38 20.27 1.46
N ALA A 296 6.79 19.49 0.55
CA ALA A 296 6.69 18.02 0.64
C ALA A 296 8.10 17.44 0.81
N ILE A 297 9.04 17.91 -0.01
CA ILE A 297 10.41 17.36 -0.04
C ILE A 297 11.05 17.69 1.31
N LYS A 298 10.78 18.89 1.81
CA LYS A 298 11.27 19.34 3.13
C LYS A 298 10.63 18.50 4.23
N GLU A 299 9.31 18.30 4.22
CA GLU A 299 8.56 17.68 5.34
C GLU A 299 8.95 16.20 5.47
N HIS A 300 9.05 15.49 4.35
CA HIS A 300 9.40 14.06 4.31
C HIS A 300 10.92 13.86 4.32
N LYS A 301 11.70 14.90 4.04
CA LYS A 301 13.19 14.83 4.10
C LYS A 301 13.64 13.76 3.13
N MET A 302 13.10 13.75 1.92
CA MET A 302 13.17 12.57 1.01
C MET A 302 14.62 12.30 0.64
N ASP A 303 15.07 11.08 0.87
CA ASP A 303 16.38 10.56 0.37
C ASP A 303 16.33 10.47 -1.15
N GLN A 304 15.23 9.98 -1.72
CA GLN A 304 15.12 9.70 -3.18
C GLN A 304 13.67 9.83 -3.63
N ALA A 305 13.44 10.24 -4.86
CA ALA A 305 12.11 10.28 -5.50
C ALA A 305 12.22 10.36 -7.02
N ILE A 306 11.20 9.86 -7.70
CA ILE A 306 10.88 10.20 -9.12
C ILE A 306 9.79 11.29 -9.11
N ILE A 307 9.96 12.31 -9.93
CA ILE A 307 9.00 13.45 -10.05
C ILE A 307 8.47 13.50 -11.49
N PHE A 308 7.18 13.38 -11.65
CA PHE A 308 6.50 13.34 -12.96
C PHE A 308 5.84 14.69 -13.22
N CYS A 309 6.38 15.40 -14.19
CA CYS A 309 5.80 16.64 -14.76
C CYS A 309 5.15 16.28 -16.10
N ARG A 310 4.19 17.08 -16.52
CA ARG A 310 3.40 16.85 -17.74
C ARG A 310 4.24 17.16 -18.99
N THR A 311 5.22 18.07 -18.92
CA THR A 311 5.93 18.57 -20.13
C THR A 311 7.42 18.73 -19.86
N LYS A 312 8.19 18.74 -20.95
CA LYS A 312 9.66 18.98 -20.98
C LYS A 312 10.01 20.26 -20.21
N ILE A 313 9.30 21.37 -20.43
CA ILE A 313 9.67 22.68 -19.80
C ILE A 313 9.16 22.70 -18.36
N ASP A 314 8.06 22.02 -18.04
CA ASP A 314 7.63 21.80 -16.63
C ASP A 314 8.81 21.21 -15.85
N CYS A 315 9.44 20.15 -16.39
CA CYS A 315 10.63 19.52 -15.78
C CYS A 315 11.73 20.58 -15.61
N ASP A 316 12.10 21.23 -16.71
CA ASP A 316 13.19 22.25 -16.76
C ASP A 316 12.94 23.31 -15.66
N ASN A 317 11.71 23.82 -15.54
CA ASN A 317 11.37 24.95 -14.63
C ASN A 317 11.50 24.49 -13.16
N LEU A 318 11.17 23.23 -12.87
CA LEU A 318 11.28 22.66 -11.51
C LEU A 318 12.76 22.44 -11.15
N GLU A 319 13.58 22.00 -12.11
CA GLU A 319 15.05 21.86 -11.90
C GLU A 319 15.63 23.21 -11.46
N GLN A 320 15.22 24.32 -12.11
CA GLN A 320 15.74 25.70 -11.84
C GLN A 320 15.28 26.18 -10.45
N TYR A 321 14.03 25.88 -10.10
CA TYR A 321 13.49 26.23 -8.77
C TYR A 321 14.23 25.39 -7.72
N PHE A 322 14.57 24.14 -8.03
CA PHE A 322 15.32 23.28 -7.09
C PHE A 322 16.70 23.88 -6.94
N ILE A 323 17.32 24.31 -8.03
CA ILE A 323 18.59 25.11 -7.99
C ILE A 323 18.44 26.28 -7.01
N GLN A 324 17.39 27.07 -7.12
CA GLN A 324 17.19 28.24 -6.21
C GLN A 324 17.13 27.74 -4.75
N GLN A 325 16.83 26.45 -4.49
CA GLN A 325 16.73 25.86 -3.12
C GLN A 325 18.04 25.19 -2.70
N GLY A 326 19.19 25.61 -3.25
CA GLY A 326 20.52 25.05 -2.94
C GLY A 326 20.78 23.71 -3.63
N GLY A 327 19.91 23.32 -4.56
CA GLY A 327 19.95 22.00 -5.21
C GLY A 327 20.46 22.14 -6.63
N GLY A 328 20.02 21.21 -7.50
CA GLY A 328 20.32 21.19 -8.93
C GLY A 328 21.14 19.97 -9.32
N PRO A 329 21.53 19.79 -10.60
CA PRO A 329 22.39 18.67 -10.98
C PRO A 329 23.87 18.83 -10.59
N ASP A 330 24.26 19.91 -9.91
CA ASP A 330 25.68 20.14 -9.57
C ASP A 330 25.90 20.08 -8.06
N LYS A 331 24.85 19.82 -7.28
CA LYS A 331 24.95 19.81 -5.80
C LYS A 331 24.81 18.35 -5.32
N LYS A 332 25.72 17.48 -5.74
CA LYS A 332 25.74 16.05 -5.30
C LYS A 332 25.29 15.93 -3.84
N GLY A 333 24.19 15.20 -3.61
CA GLY A 333 23.73 14.73 -2.30
C GLY A 333 22.76 15.70 -1.61
N HIS A 334 22.67 16.96 -2.07
CA HIS A 334 21.90 18.03 -1.40
C HIS A 334 20.41 17.65 -1.40
N GLN A 335 19.63 18.23 -0.50
CA GLN A 335 18.18 17.91 -0.29
C GLN A 335 17.41 18.09 -1.61
N PHE A 336 17.91 18.90 -2.53
CA PHE A 336 17.18 19.29 -3.77
C PHE A 336 18.05 19.02 -5.00
N SER A 337 19.11 18.22 -4.80
CA SER A 337 19.92 17.60 -5.89
C SER A 337 18.99 16.87 -6.84
N CYS A 338 19.12 17.04 -8.16
CA CYS A 338 18.20 16.44 -9.15
C CYS A 338 18.81 16.45 -10.56
N VAL A 339 18.29 15.60 -11.45
CA VAL A 339 18.53 15.59 -12.91
C VAL A 339 17.18 15.50 -13.63
N CYS A 340 17.15 15.88 -14.91
CA CYS A 340 15.95 15.77 -15.78
C CYS A 340 16.20 14.74 -16.86
N LEU A 341 15.12 14.19 -17.39
CA LEU A 341 15.13 13.09 -18.37
C LEU A 341 13.91 13.29 -19.27
N HIS A 342 14.10 13.86 -20.47
CA HIS A 342 13.01 14.09 -21.46
C HIS A 342 13.56 14.27 -22.88
N GLY A 343 12.64 14.55 -23.82
CA GLY A 343 12.91 14.74 -25.25
C GLY A 343 14.02 15.73 -25.55
N ASP A 344 13.97 16.93 -24.98
CA ASP A 344 14.88 18.04 -25.35
C ASP A 344 16.22 17.81 -24.65
N ARG A 345 16.38 16.71 -23.96
CA ARG A 345 17.69 16.31 -23.41
C ARG A 345 18.35 15.33 -24.38
N LYS A 346 19.51 15.71 -24.93
CA LYS A 346 20.34 14.86 -25.83
C LYS A 346 20.39 13.44 -25.24
N PRO A 347 20.18 12.37 -26.07
CA PRO A 347 20.03 11.02 -25.53
C PRO A 347 21.24 10.49 -24.73
N HIS A 348 22.43 11.05 -24.91
CA HIS A 348 23.64 10.65 -24.12
C HIS A 348 23.55 11.24 -22.71
N GLU A 349 23.15 12.52 -22.60
CA GLU A 349 22.94 13.22 -21.31
C GLU A 349 21.91 12.42 -20.49
N ARG A 350 20.85 11.92 -21.12
CA ARG A 350 19.83 11.07 -20.46
C ARG A 350 20.52 9.88 -19.78
N LYS A 351 21.26 9.07 -20.55
CA LYS A 351 21.94 7.86 -20.05
C LYS A 351 22.78 8.23 -18.82
N GLN A 352 23.50 9.37 -18.84
CA GLN A 352 24.42 9.79 -17.73
C GLN A 352 23.62 10.29 -16.54
N ASN A 353 22.63 11.15 -16.81
CA ASN A 353 21.67 11.71 -15.81
C ASN A 353 21.07 10.55 -15.02
N LEU A 354 20.69 9.49 -15.74
CA LEU A 354 19.98 8.30 -15.20
C LEU A 354 20.93 7.50 -14.27
N GLU A 355 22.19 7.31 -14.67
CA GLU A 355 23.18 6.52 -13.86
C GLU A 355 23.48 7.29 -12.58
N ARG A 356 23.59 8.62 -12.68
CA ARG A 356 23.81 9.55 -11.54
C ARG A 356 22.67 9.45 -10.53
N PHE A 357 21.46 9.15 -10.99
CA PHE A 357 20.29 8.92 -10.12
C PHE A 357 20.40 7.54 -9.46
N LYS A 358 20.75 6.49 -10.21
CA LYS A 358 20.97 5.12 -9.67
C LYS A 358 22.13 5.13 -8.66
N LYS A 359 23.18 5.93 -8.90
CA LYS A 359 24.39 6.04 -8.04
C LYS A 359 24.06 6.69 -6.70
N GLY A 360 22.89 7.34 -6.61
CA GLY A 360 22.51 8.17 -5.45
C GLY A 360 23.31 9.45 -5.40
N ASP A 361 23.84 9.89 -6.55
CA ASP A 361 24.51 11.20 -6.73
C ASP A 361 23.53 12.34 -6.50
N VAL A 362 22.39 12.31 -7.18
CA VAL A 362 21.29 13.31 -7.02
C VAL A 362 20.07 12.59 -6.49
N ARG A 363 19.29 13.26 -5.63
CA ARG A 363 18.17 12.66 -4.88
C ARG A 363 17.00 12.40 -5.82
N PHE A 364 16.71 13.33 -6.75
CA PHE A 364 15.44 13.39 -7.52
C PHE A 364 15.69 13.15 -9.01
N LEU A 365 14.80 12.40 -9.66
CA LEU A 365 14.78 12.20 -11.13
C LEU A 365 13.52 12.85 -11.66
N ILE A 366 13.65 14.01 -12.27
CA ILE A 366 12.50 14.75 -12.87
C ILE A 366 12.35 14.28 -14.31
N CYS A 367 11.19 13.71 -14.69
CA CYS A 367 10.95 13.14 -16.04
C CYS A 367 9.47 13.26 -16.41
N THR A 368 9.14 12.97 -17.67
CA THR A 368 7.76 12.96 -18.25
C THR A 368 7.30 11.50 -18.37
N ASP A 369 6.01 11.24 -18.49
CA ASP A 369 5.46 9.88 -18.77
C ASP A 369 6.23 9.24 -19.94
N VAL A 370 6.45 9.99 -21.02
CA VAL A 370 7.03 9.48 -22.31
C VAL A 370 8.47 9.03 -22.07
N ALA A 371 9.26 9.84 -21.37
CA ALA A 371 10.67 9.49 -21.03
C ALA A 371 10.71 8.24 -20.14
N ALA A 372 9.71 8.06 -19.27
CA ALA A 372 9.67 6.98 -18.26
C ALA A 372 9.38 5.63 -18.93
N ARG A 373 8.67 5.63 -20.06
CA ARG A 373 8.57 4.43 -20.94
C ARG A 373 9.99 3.85 -21.10
N GLY A 374 10.93 4.70 -21.49
CA GLY A 374 12.36 4.35 -21.69
C GLY A 374 13.02 3.81 -20.43
N ILE A 375 12.87 4.50 -19.28
CA ILE A 375 13.54 4.12 -18.00
C ILE A 375 12.98 2.76 -17.58
N ASP A 376 13.80 1.98 -16.86
CA ASP A 376 13.34 0.89 -15.96
C ASP A 376 13.99 1.17 -14.61
N ILE A 377 13.17 1.26 -13.55
CA ILE A 377 13.54 1.65 -12.15
C ILE A 377 12.35 1.40 -11.25
N HIS A 378 12.57 0.71 -10.12
CA HIS A 378 11.54 0.45 -9.08
C HIS A 378 12.16 0.67 -7.69
N GLY A 379 11.43 0.34 -6.63
CA GLY A 379 11.97 0.29 -5.26
C GLY A 379 12.40 1.65 -4.77
N VAL A 380 11.77 2.68 -5.32
CA VAL A 380 11.97 4.10 -4.97
C VAL A 380 11.00 4.45 -3.84
N PRO A 381 11.47 5.10 -2.75
CA PRO A 381 10.63 5.34 -1.58
C PRO A 381 9.57 6.44 -1.75
N TYR A 382 9.75 7.33 -2.73
CA TYR A 382 8.81 8.45 -3.02
C TYR A 382 8.62 8.62 -4.52
N VAL A 383 7.39 8.85 -4.92
CA VAL A 383 7.08 9.50 -6.22
C VAL A 383 6.22 10.72 -5.93
N ILE A 384 6.49 11.83 -6.61
CA ILE A 384 5.61 13.03 -6.59
C ILE A 384 5.05 13.21 -7.98
N ASN A 385 3.72 13.21 -8.13
CA ASN A 385 3.06 13.63 -9.38
C ASN A 385 2.80 15.12 -9.26
N VAL A 386 3.60 15.94 -9.92
CA VAL A 386 3.34 17.41 -9.91
C VAL A 386 1.99 17.65 -10.60
N THR A 387 1.82 17.10 -11.81
CA THR A 387 0.54 17.06 -12.57
C THR A 387 0.16 15.59 -12.82
N LEU A 388 -1.14 15.32 -12.91
CA LEU A 388 -1.69 13.96 -13.12
C LEU A 388 -1.57 13.63 -14.60
N PRO A 389 -1.45 12.34 -14.93
CA PRO A 389 -1.35 11.91 -16.33
C PRO A 389 -2.68 12.02 -17.10
N ASP A 390 -2.57 12.31 -18.41
CA ASP A 390 -3.66 12.36 -19.42
C ASP A 390 -4.40 11.02 -19.36
N GLU A 391 -3.68 9.90 -19.48
CA GLU A 391 -4.23 8.51 -19.46
C GLU A 391 -4.18 7.93 -18.03
N LYS A 392 -5.35 7.65 -17.46
CA LYS A 392 -5.50 7.12 -16.07
C LYS A 392 -4.63 5.87 -15.87
N GLN A 393 -4.53 5.02 -16.88
CA GLN A 393 -3.65 3.81 -16.85
C GLN A 393 -2.23 4.18 -16.34
N ASN A 394 -1.72 5.37 -16.66
CA ASN A 394 -0.32 5.78 -16.35
C ASN A 394 -0.13 6.13 -14.87
N TYR A 395 -1.20 6.37 -14.12
CA TYR A 395 -1.14 6.60 -12.66
C TYR A 395 -0.53 5.36 -12.02
N VAL A 396 -0.98 4.19 -12.45
CA VAL A 396 -0.54 2.88 -11.89
C VAL A 396 0.95 2.68 -12.25
N HIS A 397 1.27 2.75 -13.54
CA HIS A 397 2.65 2.67 -14.07
C HIS A 397 3.58 3.56 -13.24
N ARG A 398 3.15 4.80 -12.96
CA ARG A 398 3.91 5.83 -12.17
C ARG A 398 4.11 5.38 -10.71
N ILE A 399 3.01 5.09 -10.00
CA ILE A 399 2.96 4.58 -8.60
C ILE A 399 3.73 3.26 -8.51
N GLY A 400 3.72 2.46 -9.57
CA GLY A 400 4.44 1.18 -9.67
C GLY A 400 5.93 1.31 -9.35
N ARG A 401 6.50 2.50 -9.46
CA ARG A 401 7.95 2.64 -9.31
C ARG A 401 8.34 2.83 -7.84
N VAL A 402 7.36 2.93 -6.92
CA VAL A 402 7.65 3.14 -5.46
C VAL A 402 7.42 1.87 -4.65
N GLY A 403 8.28 1.65 -3.64
CA GLY A 403 8.03 0.73 -2.52
C GLY A 403 8.66 -0.63 -2.73
N ARG A 404 9.94 -0.79 -2.34
CA ARG A 404 10.61 -2.11 -2.10
C ARG A 404 9.77 -2.91 -1.09
N ALA A 405 9.90 -4.24 -1.08
CA ALA A 405 9.15 -5.15 -0.18
C ALA A 405 9.52 -4.92 1.30
N GLU A 406 10.72 -4.39 1.58
CA GLU A 406 11.23 -4.13 2.96
C GLU A 406 11.21 -2.62 3.27
N ARG A 407 10.38 -1.85 2.56
CA ARG A 407 10.20 -0.38 2.74
C ARG A 407 8.96 0.09 1.97
N MET A 408 7.88 0.45 2.66
CA MET A 408 6.67 1.07 2.05
C MET A 408 7.04 2.37 1.32
N GLY A 409 6.71 2.48 0.03
CA GLY A 409 6.87 3.73 -0.74
C GLY A 409 5.77 4.71 -0.41
N LEU A 410 5.81 5.92 -1.00
CA LEU A 410 4.71 6.94 -0.91
C LEU A 410 4.68 7.75 -2.22
N ALA A 411 3.57 7.65 -2.93
CA ALA A 411 3.20 8.57 -4.03
C ALA A 411 2.41 9.75 -3.45
N ILE A 412 2.89 10.96 -3.72
CA ILE A 412 2.18 12.25 -3.45
C ILE A 412 1.73 12.81 -4.79
N SER A 413 0.45 13.13 -4.94
CA SER A 413 -0.11 13.74 -6.18
C SER A 413 -0.68 15.13 -5.86
N LEU A 414 -0.13 16.18 -6.49
CA LEU A 414 -0.58 17.58 -6.36
C LEU A 414 -1.69 17.83 -7.37
N VAL A 415 -2.94 17.84 -6.90
CA VAL A 415 -4.17 17.89 -7.72
C VAL A 415 -4.87 19.23 -7.49
N ALA A 416 -4.83 20.11 -8.50
CA ALA A 416 -5.59 21.38 -8.57
C ALA A 416 -7.07 21.11 -8.31
N THR A 417 -7.77 22.13 -7.81
CA THR A 417 -9.23 22.11 -7.56
C THR A 417 -9.95 23.04 -8.55
N GLU A 418 -9.22 23.73 -9.41
CA GLU A 418 -9.78 24.49 -10.57
C GLU A 418 -9.12 24.01 -11.87
N LYS A 419 -9.75 24.30 -13.00
CA LYS A 419 -9.19 24.02 -14.34
C LYS A 419 -7.91 24.86 -14.51
N GLU A 420 -6.90 24.28 -15.14
CA GLU A 420 -5.58 24.91 -15.39
C GLU A 420 -5.33 24.97 -16.90
N LYS A 421 -5.20 26.17 -17.47
CA LYS A 421 -4.86 26.34 -18.89
C LYS A 421 -3.43 25.83 -19.04
N VAL A 422 -3.18 24.87 -19.95
CA VAL A 422 -1.83 24.30 -20.19
C VAL A 422 -1.57 24.23 -21.70
N TRP A 423 -0.32 23.99 -22.09
CA TRP A 423 0.12 23.77 -23.50
C TRP A 423 -0.29 22.38 -23.96
N TYR A 424 -0.98 22.26 -25.09
CA TYR A 424 -1.06 20.95 -25.83
C TYR A 424 -0.03 20.99 -26.96
N HIS A 425 -0.19 21.90 -27.93
CA HIS A 425 0.70 22.07 -29.13
C HIS A 425 0.26 21.13 -30.26
N VAL A 426 -0.39 21.69 -31.29
CA VAL A 426 -0.82 21.00 -32.54
C VAL A 426 0.11 21.45 -33.69
N CYS A 427 0.90 22.50 -33.49
CA CYS A 427 1.73 23.20 -34.51
C CYS A 427 2.82 22.26 -35.09
N SER A 428 3.24 22.52 -36.33
CA SER A 428 4.23 21.70 -37.11
C SER A 428 5.57 21.63 -36.36
N SER A 429 5.90 22.67 -35.58
CA SER A 429 7.22 22.87 -34.92
C SER A 429 7.40 21.90 -33.76
N ARG A 430 6.32 21.24 -33.31
CA ARG A 430 6.26 20.30 -32.15
C ARG A 430 6.70 21.01 -30.87
N GLY A 431 6.35 22.30 -30.71
CA GLY A 431 6.68 23.11 -29.53
C GLY A 431 7.70 24.23 -29.81
N LYS A 432 8.80 23.93 -30.50
CA LYS A 432 10.01 24.81 -30.62
C LYS A 432 9.60 26.15 -31.27
N GLY A 433 9.42 27.20 -30.47
CA GLY A 433 9.16 28.57 -30.95
C GLY A 433 7.68 28.94 -31.04
N CYS A 434 6.77 28.05 -30.65
CA CYS A 434 5.31 28.33 -30.63
C CYS A 434 4.93 28.95 -29.29
N TYR A 435 4.11 30.01 -29.30
CA TYR A 435 3.57 30.70 -28.10
C TYR A 435 2.11 31.09 -28.34
N ASN A 436 1.38 30.27 -29.10
CA ASN A 436 -0.03 30.54 -29.45
C ASN A 436 -0.89 30.13 -28.25
N THR A 437 -1.28 31.08 -27.42
CA THR A 437 -1.98 30.86 -26.12
C THR A 437 -3.46 30.52 -26.36
N ARG A 438 -3.96 30.70 -27.59
CA ARG A 438 -5.37 30.43 -27.94
C ARG A 438 -5.66 28.93 -27.75
N LEU A 439 -6.93 28.55 -27.58
CA LEU A 439 -7.33 27.14 -27.33
C LEU A 439 -7.19 26.32 -28.63
N LYS A 440 -6.92 25.02 -28.50
CA LYS A 440 -6.97 24.00 -29.60
C LYS A 440 -8.17 24.37 -30.49
N GLU A 441 -9.40 24.30 -29.92
CA GLU A 441 -10.71 24.66 -30.53
C GLU A 441 -10.58 25.88 -31.47
N ASP A 442 -9.94 26.96 -31.02
CA ASP A 442 -9.85 28.26 -31.75
C ASP A 442 -8.49 28.39 -32.43
N GLY A 443 -7.90 27.26 -32.83
CA GLY A 443 -6.69 27.20 -33.69
C GLY A 443 -5.39 27.33 -32.91
N GLY A 444 -5.41 27.13 -31.59
CA GLY A 444 -4.26 27.39 -30.70
C GLY A 444 -3.58 26.12 -30.17
N CYS A 445 -2.57 26.29 -29.32
CA CYS A 445 -1.76 25.20 -28.72
C CYS A 445 -1.94 25.17 -27.19
N THR A 446 -3.17 25.40 -26.69
CA THR A 446 -3.52 25.30 -25.24
C THR A 446 -4.88 24.62 -25.06
N ILE A 447 -5.06 23.95 -23.93
CA ILE A 447 -6.39 23.41 -23.51
C ILE A 447 -6.64 23.78 -22.06
N TRP A 448 -7.89 23.67 -21.62
CA TRP A 448 -8.26 23.73 -20.19
C TRP A 448 -8.20 22.33 -19.60
N TYR A 449 -7.15 22.04 -18.82
CA TYR A 449 -6.96 20.79 -18.05
C TYR A 449 -7.96 20.78 -16.91
N ASN A 450 -8.46 19.60 -16.53
CA ASN A 450 -9.42 19.44 -15.39
C ASN A 450 -8.92 18.30 -14.50
N GLU A 451 -8.03 18.63 -13.57
CA GLU A 451 -7.23 17.62 -12.85
C GLU A 451 -8.14 16.86 -11.87
N MET A 452 -9.19 17.49 -11.36
CA MET A 452 -10.12 16.81 -10.43
C MET A 452 -10.85 15.70 -11.18
N GLN A 453 -11.19 15.91 -12.45
CA GLN A 453 -11.93 14.92 -13.26
C GLN A 453 -11.00 13.73 -13.53
N LEU A 454 -9.76 13.99 -13.92
CA LEU A 454 -8.74 12.93 -14.11
C LEU A 454 -8.66 12.08 -12.85
N LEU A 455 -8.58 12.73 -11.67
CA LEU A 455 -8.50 12.04 -10.36
C LEU A 455 -9.69 11.10 -10.20
N SER A 456 -10.89 11.58 -10.50
CA SER A 456 -12.16 10.81 -10.45
C SER A 456 -12.09 9.61 -11.38
N GLU A 457 -11.68 9.81 -12.62
CA GLU A 457 -11.49 8.68 -13.55
C GLU A 457 -10.47 7.71 -12.95
N ILE A 458 -9.40 8.24 -12.37
CA ILE A 458 -8.34 7.41 -11.73
C ILE A 458 -8.94 6.65 -10.54
N GLU A 459 -9.55 7.34 -9.59
CA GLU A 459 -10.18 6.68 -8.42
C GLU A 459 -11.22 5.64 -8.87
N GLU A 460 -11.99 5.95 -9.92
CA GLU A 460 -13.01 5.05 -10.53
C GLU A 460 -12.29 3.82 -11.13
N HIS A 461 -11.25 4.01 -11.93
CA HIS A 461 -10.44 2.87 -12.46
C HIS A 461 -10.02 1.94 -11.31
N LEU A 462 -9.53 2.46 -10.17
CA LEU A 462 -9.06 1.64 -9.03
C LEU A 462 -10.26 1.24 -8.15
N ASN A 463 -11.46 1.63 -8.55
CA ASN A 463 -12.72 1.29 -7.85
C ASN A 463 -12.55 1.50 -6.35
N CYS A 464 -12.13 2.69 -5.94
CA CYS A 464 -11.92 3.07 -4.53
C CYS A 464 -11.69 4.58 -4.40
N THR A 465 -11.20 5.00 -3.24
CA THR A 465 -10.99 6.40 -2.85
C THR A 465 -9.56 6.53 -2.37
N ILE A 466 -8.90 7.66 -2.67
CA ILE A 466 -7.49 7.97 -2.26
C ILE A 466 -7.46 9.00 -1.13
N SER A 467 -6.68 8.78 -0.08
CA SER A 467 -6.61 9.67 1.11
C SER A 467 -6.19 11.05 0.64
N GLN A 468 -6.65 12.12 1.31
CA GLN A 468 -6.36 13.55 0.98
C GLN A 468 -5.80 14.31 2.19
N VAL A 469 -4.93 15.28 1.93
CA VAL A 469 -4.13 15.98 2.98
C VAL A 469 -3.85 17.42 2.51
#